data_3WND
#
_entry.id   3WND
#
_cell.length_a   61.873
_cell.length_b   108.608
_cell.length_c   58.620
_cell.angle_alpha   90.00
_cell.angle_beta   90.00
_cell.angle_gamma   90.00
#
_symmetry.space_group_name_H-M   'P 21 21 2'
#
loop_
_entity.id
_entity.type
_entity.pdbx_description
1 polymer 'Protein translation elongation factor 1A'
2 non-polymer 'CITRIC ACID'
3 water water
#
_entity_poly.entity_id   1
_entity_poly.type   'polypeptide(L)'
_entity_poly.pdbx_seq_one_letter_code
;MGSSHHHHHHSSGLVPRGSHMANVAIIGTEKSGRTSLAANLGKKGTSSDITMYNNDKEGRNMVFVDAHSYPKTLKSLITA
LNISDIAVLCIPPQGLDAHTGECIIALDLLGFKHGIIALTRSDSTHMHAIDELKAKLKVITSGTVLQDWECISLNTNKSA
KNPFEGVDELKARINEVAEKIEAENAELNSLPARIFIDHAFNVTGKGCVVLGVVKQGISKDKDKTKIFPLDRDIEIRSIQ
SHDVDIDSAPAGTRVGMRLKNVQAKDIERGFIISDKEIVTTDYTLECTVSKFTKKIEPASVLHLFVGLQSEPVRVEKILV
DGNEVEEAKPGSTCVLELSGNKKLAYSKQDRFLLANLDLTQRFAAYGFSK
;
_entity_poly.pdbx_strand_id   A
#
loop_
_chem_comp.id
_chem_comp.type
_chem_comp.name
_chem_comp.formula
CIT non-polymer 'CITRIC ACID' 'C6 H8 O7'
#
# COMPACT_ATOMS: atom_id res chain seq x y z
N HIS A 10 -21.96 -13.85 -17.64
CA HIS A 10 -21.09 -14.95 -18.11
C HIS A 10 -19.64 -14.82 -17.78
N SER A 11 -19.02 -15.94 -17.39
CA SER A 11 -17.59 -15.85 -17.01
C SER A 11 -16.89 -17.15 -17.32
N SER A 12 -15.55 -17.08 -17.28
CA SER A 12 -14.71 -18.29 -17.47
C SER A 12 -14.90 -19.34 -16.40
N GLY A 13 -14.58 -20.58 -16.75
CA GLY A 13 -14.52 -21.68 -15.79
C GLY A 13 -15.87 -22.10 -15.26
N LEU A 14 -15.89 -22.73 -14.08
CA LEU A 14 -17.07 -23.49 -13.62
C LEU A 14 -17.85 -22.81 -12.52
N VAL A 15 -17.27 -21.74 -11.96
CA VAL A 15 -17.83 -21.14 -10.78
C VAL A 15 -17.17 -19.83 -10.88
N PRO A 16 -17.94 -18.74 -10.73
CA PRO A 16 -17.33 -17.40 -10.71
C PRO A 16 -16.36 -17.26 -9.54
N ARG A 17 -15.30 -16.49 -9.75
CA ARG A 17 -14.43 -16.07 -8.63
C ARG A 17 -15.16 -15.60 -7.31
N GLY A 18 -16.28 -14.89 -7.51
CA GLY A 18 -16.90 -14.04 -6.48
C GLY A 18 -16.12 -12.73 -6.30
N SER A 19 -16.82 -11.67 -5.94
CA SER A 19 -16.06 -10.51 -5.54
C SER A 19 -15.73 -10.68 -4.08
N HIS A 20 -15.09 -11.82 -3.73
CA HIS A 20 -14.72 -12.06 -2.35
C HIS A 20 -13.25 -12.01 -2.23
N MET A 21 -12.70 -10.89 -1.73
CA MET A 21 -11.23 -10.78 -1.68
C MET A 21 -10.81 -9.67 -0.75
N ALA A 22 -9.57 -9.70 -0.31
CA ALA A 22 -9.06 -8.60 0.54
C ALA A 22 -7.56 -8.57 0.44
N ASN A 23 -7.00 -7.37 0.21
CA ASN A 23 -5.52 -7.26 0.18
C ASN A 23 -5.17 -6.45 1.40
N VAL A 24 -4.36 -7.08 2.25
CA VAL A 24 -4.10 -6.56 3.63
C VAL A 24 -2.60 -6.34 3.80
N ALA A 25 -2.23 -5.18 4.25
CA ALA A 25 -0.84 -4.86 4.62
C ALA A 25 -0.62 -5.07 6.07
N ILE A 26 0.42 -5.81 6.40
N ILE A 26 0.39 -5.86 6.40
CA ILE A 26 0.75 -6.02 7.84
CA ILE A 26 0.75 -6.06 7.85
C ILE A 26 2.04 -5.31 8.11
C ILE A 26 2.03 -5.28 8.06
N ILE A 27 1.94 -4.27 8.93
CA ILE A 27 3.01 -3.33 9.10
C ILE A 27 3.30 -3.08 10.57
N GLY A 28 4.40 -2.43 10.81
CA GLY A 28 4.74 -1.86 12.10
C GLY A 28 6.19 -1.92 12.44
N THR A 29 6.51 -1.49 13.65
CA THR A 29 7.88 -1.33 14.15
C THR A 29 8.67 -2.61 14.30
N GLU A 30 9.97 -2.46 14.59
CA GLU A 30 10.79 -3.67 14.90
C GLU A 30 10.25 -4.49 16.03
N LYS A 31 10.44 -5.81 15.95
CA LYS A 31 10.06 -6.69 17.05
C LYS A 31 8.56 -6.51 17.49
N SER A 32 7.68 -6.35 16.51
CA SER A 32 6.26 -6.21 16.77
C SER A 32 5.44 -7.44 16.42
N GLY A 33 6.10 -8.56 16.07
CA GLY A 33 5.36 -9.77 15.66
C GLY A 33 4.72 -9.73 14.31
N ARG A 34 5.13 -8.75 13.48
N ARG A 34 5.11 -8.76 13.47
CA ARG A 34 4.57 -8.47 12.11
CA ARG A 34 4.51 -8.57 12.11
C ARG A 34 4.74 -9.68 11.16
C ARG A 34 4.70 -9.81 11.25
N THR A 35 5.94 -10.26 11.06
CA THR A 35 6.16 -11.41 10.19
C THR A 35 5.52 -12.67 10.73
N SER A 36 5.52 -12.87 12.08
CA SER A 36 4.89 -14.06 12.57
C SER A 36 3.41 -14.02 12.37
N LEU A 37 2.84 -12.80 12.43
CA LEU A 37 1.37 -12.73 12.24
C LEU A 37 1.05 -13.06 10.74
N ALA A 38 1.73 -12.32 9.84
CA ALA A 38 1.52 -12.48 8.38
C ALA A 38 1.68 -14.02 8.07
N ALA A 39 2.78 -14.61 8.57
CA ALA A 39 3.14 -16.00 8.25
C ALA A 39 2.09 -17.02 8.73
N ASN A 40 1.35 -16.67 9.79
CA ASN A 40 0.29 -17.53 10.30
C ASN A 40 -1.06 -17.21 9.74
N LEU A 41 -1.13 -16.23 8.82
CA LEU A 41 -2.41 -15.88 8.18
C LEU A 41 -2.49 -16.41 6.73
N GLY A 42 -1.37 -16.77 6.15
CA GLY A 42 -1.41 -17.40 4.78
C GLY A 42 -0.09 -18.08 4.42
N LYS A 43 -0.05 -18.57 3.19
CA LYS A 43 1.06 -19.31 2.65
C LYS A 43 2.06 -18.38 1.92
N LYS A 44 3.33 -18.52 2.27
CA LYS A 44 4.36 -17.69 1.76
C LYS A 44 4.38 -17.80 0.25
N GLY A 45 4.31 -16.62 -0.42
CA GLY A 45 4.33 -16.57 -1.87
C GLY A 45 5.49 -15.70 -2.30
N THR A 46 5.18 -14.71 -3.17
CA THR A 46 6.22 -13.83 -3.72
C THR A 46 6.96 -13.10 -2.61
N SER A 47 8.26 -13.04 -2.70
CA SER A 47 9.09 -12.42 -1.69
C SER A 47 10.23 -11.64 -2.32
N SER A 48 10.27 -10.31 -2.08
CA SER A 48 11.36 -9.41 -2.49
C SER A 48 11.75 -8.47 -1.30
N ASP A 49 11.47 -7.16 -1.39
CA ASP A 49 11.56 -6.34 -0.14
C ASP A 49 10.25 -6.38 0.66
N ILE A 50 9.23 -7.02 0.08
CA ILE A 50 7.96 -7.29 0.73
C ILE A 50 7.67 -8.76 0.51
N THR A 51 6.82 -9.34 1.36
CA THR A 51 6.43 -10.77 1.17
C THR A 51 4.95 -10.99 1.25
N MET A 52 4.40 -11.71 0.25
CA MET A 52 3.00 -11.98 0.18
C MET A 52 2.77 -13.30 0.85
N TYR A 53 1.70 -13.35 1.59
CA TYR A 53 1.21 -14.55 2.21
C TYR A 53 -0.20 -14.72 1.74
N ASN A 54 -0.38 -15.69 0.86
CA ASN A 54 -1.69 -15.91 0.25
C ASN A 54 -2.55 -16.85 1.00
N ASN A 55 -3.82 -16.49 1.07
CA ASN A 55 -4.75 -17.38 1.65
C ASN A 55 -6.07 -17.33 0.93
N ASP A 56 -6.29 -18.29 0.04
CA ASP A 56 -7.56 -18.36 -0.68
C ASP A 56 -8.35 -19.62 -0.21
N LYS A 57 -7.93 -20.17 0.93
CA LYS A 57 -8.49 -21.34 1.54
C LYS A 57 -9.70 -21.01 2.41
N GLU A 58 -10.00 -19.71 2.75
CA GLU A 58 -10.94 -19.41 3.82
C GLU A 58 -12.16 -18.56 3.42
N GLY A 59 -12.42 -18.47 2.09
CA GLY A 59 -13.64 -17.70 1.62
C GLY A 59 -13.24 -16.58 0.68
N ARG A 60 -12.29 -15.75 1.14
CA ARG A 60 -11.79 -14.61 0.27
C ARG A 60 -10.50 -14.94 -0.23
N ASN A 61 -10.19 -14.47 -1.41
CA ASN A 61 -8.86 -14.50 -1.92
C ASN A 61 -8.16 -13.42 -1.12
N MET A 62 -7.46 -13.82 -0.07
CA MET A 62 -6.78 -12.84 0.83
C MET A 62 -5.32 -12.87 0.50
N VAL A 63 -4.72 -11.70 0.42
CA VAL A 63 -3.29 -11.59 0.30
C VAL A 63 -2.85 -10.68 1.45
N PHE A 64 -1.92 -11.20 2.26
CA PHE A 64 -1.32 -10.39 3.36
C PHE A 64 0.07 -10.02 2.97
N VAL A 65 0.37 -8.73 2.99
CA VAL A 65 1.67 -8.31 2.53
C VAL A 65 2.43 -7.84 3.75
N ASP A 66 3.51 -8.57 4.02
CA ASP A 66 4.40 -8.20 5.11
C ASP A 66 5.44 -7.24 4.59
N ALA A 67 5.40 -5.99 5.12
CA ALA A 67 6.45 -5.01 4.70
C ALA A 67 7.77 -5.24 5.48
N HIS A 68 8.40 -6.38 5.21
CA HIS A 68 9.49 -6.82 6.10
C HIS A 68 10.74 -6.02 6.04
N SER A 69 10.89 -5.17 5.00
CA SER A 69 12.05 -4.31 4.85
C SER A 69 11.86 -2.92 5.43
N TYR A 70 10.73 -2.69 6.08
CA TYR A 70 10.52 -1.48 6.90
C TYR A 70 10.81 -1.94 8.34
N PRO A 71 11.51 -1.11 9.15
CA PRO A 71 11.75 0.30 8.91
C PRO A 71 13.02 0.67 8.14
N LYS A 72 13.81 -0.31 7.70
CA LYS A 72 15.04 0.04 6.94
C LYS A 72 14.72 0.90 5.73
N THR A 73 13.74 0.52 4.92
CA THR A 73 13.35 1.32 3.77
C THR A 73 11.85 1.74 3.91
N LEU A 74 11.55 2.91 3.36
CA LEU A 74 10.15 3.31 3.16
C LEU A 74 9.45 2.65 2.05
N LYS A 75 10.16 2.40 0.95
CA LYS A 75 9.54 1.75 -0.23
C LYS A 75 8.80 0.45 0.18
N SER A 76 9.38 -0.32 1.14
CA SER A 76 8.71 -1.56 1.52
C SER A 76 7.33 -1.23 2.11
N LEU A 77 7.30 -0.27 3.03
CA LEU A 77 6.03 0.11 3.63
C LEU A 77 5.03 0.69 2.62
N ILE A 78 5.52 1.63 1.81
CA ILE A 78 4.59 2.36 0.94
C ILE A 78 4.10 1.44 -0.16
N THR A 79 4.95 0.53 -0.66
CA THR A 79 4.45 -0.48 -1.63
C THR A 79 3.37 -1.34 -1.00
N ALA A 80 3.60 -1.88 0.23
CA ALA A 80 2.60 -2.71 0.85
C ALA A 80 1.30 -1.94 1.00
N LEU A 81 1.43 -0.68 1.41
CA LEU A 81 0.22 0.13 1.58
C LEU A 81 -0.52 0.42 0.28
N ASN A 82 0.20 0.82 -0.76
CA ASN A 82 -0.48 1.20 -2.00
C ASN A 82 -0.94 0.03 -2.85
N ILE A 83 -0.68 -1.22 -2.42
CA ILE A 83 -1.33 -2.40 -3.07
C ILE A 83 -2.41 -3.00 -2.22
N SER A 84 -2.56 -2.47 -1.00
CA SER A 84 -3.52 -3.03 -0.09
C SER A 84 -4.70 -2.13 0.15
N ASP A 85 -5.80 -2.71 0.68
CA ASP A 85 -6.94 -1.88 1.05
C ASP A 85 -7.17 -1.81 2.55
N ILE A 86 -6.53 -2.72 3.30
CA ILE A 86 -6.72 -2.77 4.75
C ILE A 86 -5.32 -2.79 5.36
N ALA A 87 -5.13 -2.00 6.45
CA ALA A 87 -3.80 -1.98 7.12
C ALA A 87 -3.96 -2.58 8.46
N VAL A 88 -3.07 -3.52 8.81
CA VAL A 88 -3.03 -4.01 10.21
C VAL A 88 -1.70 -3.52 10.79
N LEU A 89 -1.80 -2.58 11.74
CA LEU A 89 -0.62 -1.94 12.38
C LEU A 89 -0.31 -2.71 13.63
N CYS A 90 0.84 -3.34 13.64
CA CYS A 90 1.20 -4.21 14.80
C CYS A 90 1.98 -3.37 15.82
N ILE A 91 1.44 -3.31 17.03
CA ILE A 91 2.11 -2.59 18.11
C ILE A 91 2.32 -3.60 19.26
N PRO A 92 3.56 -3.84 19.65
CA PRO A 92 3.84 -4.76 20.77
C PRO A 92 3.72 -4.02 22.15
N PRO A 93 3.79 -4.77 23.25
CA PRO A 93 3.60 -4.09 24.54
C PRO A 93 4.73 -3.05 24.69
N GLN A 94 4.37 -1.91 25.26
CA GLN A 94 5.25 -0.79 25.41
C GLN A 94 5.87 -0.38 24.09
N GLY A 95 5.10 -0.53 23.00
CA GLY A 95 5.67 -0.37 21.65
C GLY A 95 5.42 1.01 20.99
N LEU A 96 5.10 2.02 21.80
CA LEU A 96 4.96 3.37 21.31
C LEU A 96 6.28 4.04 21.06
N ASP A 97 6.96 3.61 19.97
CA ASP A 97 8.31 4.08 19.68
C ASP A 97 8.29 4.93 18.41
N ALA A 98 9.47 5.21 17.90
CA ALA A 98 9.61 6.18 16.79
C ALA A 98 8.99 5.63 15.51
N HIS A 99 9.13 4.31 15.30
CA HIS A 99 8.59 3.76 14.08
C HIS A 99 7.12 3.53 14.10
N THR A 100 6.58 3.22 15.28
CA THR A 100 5.10 3.14 15.38
C THR A 100 4.55 4.53 15.07
N GLY A 101 5.20 5.56 15.59
CA GLY A 101 4.75 6.93 15.28
C GLY A 101 4.85 7.25 13.77
N GLU A 102 5.96 6.88 13.15
CA GLU A 102 6.17 7.10 11.71
C GLU A 102 5.10 6.38 10.90
N CYS A 103 4.80 5.13 11.29
CA CYS A 103 3.68 4.40 10.57
C CYS A 103 2.32 5.09 10.70
N ILE A 104 1.98 5.53 11.94
CA ILE A 104 0.76 6.29 12.14
C ILE A 104 0.73 7.53 11.27
N ILE A 105 1.86 8.29 11.21
CA ILE A 105 1.91 9.47 10.41
C ILE A 105 1.75 9.12 8.92
N ALA A 106 2.39 8.04 8.50
CA ALA A 106 2.27 7.63 7.07
C ALA A 106 0.85 7.27 6.71
N LEU A 107 0.19 6.45 7.57
CA LEU A 107 -1.18 6.05 7.26
C LEU A 107 -2.04 7.29 7.16
N ASP A 108 -1.80 8.25 8.07
CA ASP A 108 -2.68 9.44 8.11
C ASP A 108 -2.41 10.36 6.92
N LEU A 109 -1.11 10.49 6.51
CA LEU A 109 -0.85 11.27 5.30
C LEU A 109 -1.43 10.61 4.06
N LEU A 110 -1.51 9.25 4.03
CA LEU A 110 -2.14 8.50 2.91
C LEU A 110 -3.65 8.59 2.89
N GLY A 111 -4.22 9.06 3.99
CA GLY A 111 -5.74 9.01 4.10
C GLY A 111 -6.21 7.57 4.09
N PHE A 112 -5.49 6.69 4.79
CA PHE A 112 -5.71 5.29 4.64
C PHE A 112 -6.91 5.02 5.49
N LYS A 113 -7.99 4.63 4.84
CA LYS A 113 -9.26 4.57 5.57
C LYS A 113 -9.45 3.36 6.51
N HIS A 114 -9.06 2.20 6.04
CA HIS A 114 -9.58 0.97 6.64
C HIS A 114 -8.41 0.28 7.28
N GLY A 115 -8.50 0.04 8.59
CA GLY A 115 -7.41 -0.62 9.31
C GLY A 115 -7.85 -1.15 10.67
N ILE A 116 -6.87 -1.81 11.28
CA ILE A 116 -7.01 -2.47 12.57
C ILE A 116 -5.63 -2.34 13.24
N ILE A 117 -5.66 -2.09 14.56
CA ILE A 117 -4.45 -2.16 15.37
C ILE A 117 -4.33 -3.51 15.99
N ALA A 118 -3.26 -4.26 15.72
CA ALA A 118 -3.04 -5.53 16.40
C ALA A 118 -2.07 -5.30 17.54
N LEU A 119 -2.54 -5.52 18.76
CA LEU A 119 -1.72 -5.37 19.92
C LEU A 119 -1.08 -6.76 20.18
N THR A 120 0.07 -6.96 19.54
CA THR A 120 0.63 -8.30 19.42
C THR A 120 1.29 -8.75 20.74
N ARG A 121 1.77 -10.00 20.75
CA ARG A 121 2.56 -10.52 21.89
C ARG A 121 1.75 -10.47 23.14
N SER A 122 0.45 -10.74 23.03
CA SER A 122 -0.41 -10.58 24.26
C SER A 122 0.02 -11.50 25.43
N ASP A 123 0.59 -12.65 25.11
CA ASP A 123 1.07 -13.59 26.16
C ASP A 123 2.24 -13.00 26.99
N SER A 124 2.88 -11.95 26.47
CA SER A 124 3.94 -11.30 27.21
C SER A 124 3.53 -10.16 28.12
N THR A 125 2.23 -9.92 28.27
CA THR A 125 1.74 -8.76 28.97
C THR A 125 0.52 -9.17 29.75
N HIS A 126 -0.22 -8.19 30.31
CA HIS A 126 -1.35 -8.47 31.18
C HIS A 126 -2.44 -7.58 30.77
N MET A 127 -3.70 -8.03 31.06
CA MET A 127 -4.90 -7.28 30.74
C MET A 127 -4.80 -5.81 31.13
N HIS A 128 -4.33 -5.53 32.36
CA HIS A 128 -4.36 -4.18 32.79
C HIS A 128 -3.39 -3.31 32.03
N ALA A 129 -2.22 -3.90 31.62
CA ALA A 129 -1.29 -3.17 30.75
C ALA A 129 -1.90 -2.95 29.34
N ILE A 130 -2.60 -3.95 28.84
CA ILE A 130 -3.20 -3.86 27.50
C ILE A 130 -4.27 -2.78 27.53
N ASP A 131 -5.07 -2.74 28.65
CA ASP A 131 -6.06 -1.68 28.72
C ASP A 131 -5.42 -0.28 28.75
N GLU A 132 -4.26 -0.17 29.44
CA GLU A 132 -3.56 1.10 29.47
C GLU A 132 -2.99 1.47 28.12
N LEU A 133 -2.49 0.50 27.37
CA LEU A 133 -1.98 0.80 26.03
C LEU A 133 -3.18 1.12 25.10
N LYS A 134 -4.32 0.39 25.18
CA LYS A 134 -5.52 0.79 24.35
C LYS A 134 -5.94 2.23 24.63
N ALA A 135 -5.95 2.62 25.91
CA ALA A 135 -6.30 4.01 26.28
C ALA A 135 -5.36 5.01 25.66
N LYS A 136 -4.11 4.70 25.78
CA LYS A 136 -3.09 5.54 25.21
C LYS A 136 -3.37 5.71 23.72
N LEU A 137 -3.59 4.61 23.00
CA LEU A 137 -3.72 4.73 21.58
C LEU A 137 -4.95 5.51 21.19
N LYS A 138 -6.03 5.38 21.95
CA LYS A 138 -7.21 6.19 21.69
C LYS A 138 -6.71 7.67 21.62
N VAL A 139 -5.70 8.07 22.42
CA VAL A 139 -5.19 9.44 22.39
C VAL A 139 -4.32 9.86 21.20
N ILE A 140 -3.37 9.05 20.91
CA ILE A 140 -2.35 9.32 19.94
C ILE A 140 -3.07 9.36 18.58
N THR A 141 -4.14 8.56 18.46
CA THR A 141 -4.77 8.40 17.13
C THR A 141 -5.98 9.35 16.97
N SER A 142 -6.26 10.12 18.02
N SER A 142 -6.33 10.06 18.03
CA SER A 142 -7.27 11.19 17.96
CA SER A 142 -7.42 11.02 17.93
C SER A 142 -7.09 12.13 16.80
C SER A 142 -7.15 12.09 16.86
N GLY A 143 -8.16 12.30 16.01
CA GLY A 143 -8.08 13.31 14.92
C GLY A 143 -7.14 12.83 13.82
N THR A 144 -6.98 11.50 13.72
CA THR A 144 -6.21 10.91 12.59
C THR A 144 -7.13 9.87 11.95
N VAL A 145 -6.71 9.36 10.78
CA VAL A 145 -7.50 8.28 10.16
C VAL A 145 -7.62 6.97 10.95
N LEU A 146 -6.77 6.81 11.96
CA LEU A 146 -6.79 5.62 12.85
C LEU A 146 -7.79 5.74 14.01
N GLN A 147 -8.39 6.92 14.18
CA GLN A 147 -9.17 7.20 15.40
C GLN A 147 -10.20 6.12 15.76
N ASP A 148 -10.86 5.51 14.77
CA ASP A 148 -11.93 4.56 15.11
C ASP A 148 -11.51 3.12 14.69
N TRP A 149 -10.21 2.94 14.46
CA TRP A 149 -9.72 1.57 14.23
C TRP A 149 -9.85 0.78 15.52
N GLU A 150 -10.28 -0.47 15.40
CA GLU A 150 -10.32 -1.37 16.55
C GLU A 150 -8.86 -1.77 16.93
N CYS A 151 -8.62 -1.97 18.22
CA CYS A 151 -7.38 -2.53 18.76
C CYS A 151 -7.72 -3.92 19.31
N ILE A 152 -7.04 -4.92 18.74
CA ILE A 152 -7.29 -6.31 19.09
C ILE A 152 -6.04 -6.88 19.70
N SER A 153 -6.13 -7.34 20.95
CA SER A 153 -4.95 -7.95 21.59
C SER A 153 -4.83 -9.43 21.12
N LEU A 154 -3.65 -9.85 20.74
CA LEU A 154 -3.49 -11.22 20.19
C LEU A 154 -2.07 -11.72 20.34
N ASN A 155 -1.87 -13.04 20.12
CA ASN A 155 -0.51 -13.52 19.96
C ASN A 155 -0.61 -14.68 18.93
N THR A 156 0.53 -15.05 18.43
CA THR A 156 0.67 -16.15 17.51
C THR A 156 1.64 -17.19 18.15
N ASN A 157 1.46 -17.44 19.45
CA ASN A 157 2.30 -18.38 20.21
C ASN A 157 1.54 -19.59 20.65
N LYS A 158 1.71 -20.74 19.94
CA LYS A 158 0.82 -21.88 20.17
C LYS A 158 1.08 -22.47 21.60
N SER A 159 2.18 -22.06 22.24
CA SER A 159 2.58 -22.55 23.57
C SER A 159 2.20 -21.62 24.72
N ALA A 160 1.64 -20.45 24.39
CA ALA A 160 1.26 -19.51 25.45
C ALA A 160 0.08 -20.08 26.27
N LYS A 161 -0.14 -19.46 27.42
CA LYS A 161 -1.32 -19.81 28.31
C LYS A 161 -2.62 -19.65 27.52
N ASN A 162 -2.63 -18.64 26.66
CA ASN A 162 -3.82 -18.40 25.82
C ASN A 162 -3.38 -18.37 24.37
N PRO A 163 -3.21 -19.56 23.78
CA PRO A 163 -2.48 -19.58 22.50
C PRO A 163 -3.36 -19.08 21.40
N PHE A 164 -2.76 -18.20 20.57
CA PHE A 164 -3.51 -17.61 19.46
C PHE A 164 -4.78 -16.88 19.88
N GLU A 165 -4.80 -16.37 21.15
CA GLU A 165 -5.91 -15.55 21.51
C GLU A 165 -5.89 -14.33 20.58
N GLY A 166 -7.08 -13.88 20.32
CA GLY A 166 -7.36 -12.72 19.47
C GLY A 166 -7.19 -12.90 17.95
N VAL A 167 -6.61 -14.02 17.49
CA VAL A 167 -6.38 -14.17 16.06
C VAL A 167 -7.74 -14.39 15.37
N ASP A 168 -8.60 -15.25 15.95
CA ASP A 168 -9.94 -15.40 15.37
C ASP A 168 -10.66 -14.05 15.26
N GLU A 169 -10.62 -13.25 16.34
CA GLU A 169 -11.25 -11.88 16.37
C GLU A 169 -10.60 -10.98 15.26
N LEU A 170 -9.26 -10.98 15.14
CA LEU A 170 -8.63 -10.23 14.06
C LEU A 170 -9.22 -10.69 12.71
N LYS A 171 -9.28 -12.01 12.49
CA LYS A 171 -9.69 -12.45 11.19
C LYS A 171 -11.12 -12.04 10.93
N ALA A 172 -11.97 -12.09 11.96
CA ALA A 172 -13.35 -11.73 11.79
C ALA A 172 -13.49 -10.27 11.48
N ARG A 173 -12.69 -9.42 12.18
CA ARG A 173 -12.70 -7.97 11.82
C ARG A 173 -12.16 -7.71 10.38
N ILE A 174 -11.11 -8.39 10.00
CA ILE A 174 -10.55 -8.24 8.58
C ILE A 174 -11.69 -8.60 7.61
N ASN A 175 -12.42 -9.69 7.87
CA ASN A 175 -13.51 -10.02 6.92
C ASN A 175 -14.65 -8.98 6.93
N GLU A 176 -15.03 -8.43 8.10
CA GLU A 176 -16.03 -7.36 8.15
C GLU A 176 -15.56 -6.15 7.32
N VAL A 177 -14.32 -5.72 7.50
CA VAL A 177 -13.81 -4.55 6.77
C VAL A 177 -13.75 -4.93 5.30
N ALA A 178 -13.31 -6.17 5.01
CA ALA A 178 -13.24 -6.58 3.62
C ALA A 178 -14.59 -6.44 2.90
N GLU A 179 -15.69 -6.63 3.61
CA GLU A 179 -17.01 -6.67 2.94
C GLU A 179 -17.30 -5.23 2.50
N LYS A 180 -16.90 -4.26 3.32
CA LYS A 180 -17.14 -2.84 3.04
C LYS A 180 -16.29 -2.43 1.88
N ILE A 181 -15.05 -2.92 1.85
CA ILE A 181 -14.15 -2.58 0.74
C ILE A 181 -14.59 -3.22 -0.58
N GLU A 182 -15.20 -4.39 -0.51
CA GLU A 182 -15.69 -5.01 -1.73
C GLU A 182 -16.77 -4.07 -2.39
N ALA A 183 -17.61 -3.42 -1.60
CA ALA A 183 -18.62 -2.53 -2.16
C ALA A 183 -17.97 -1.29 -2.72
N GLU A 184 -17.01 -0.74 -1.98
CA GLU A 184 -16.27 0.44 -2.45
C GLU A 184 -15.55 0.12 -3.72
N ASN A 185 -14.89 -1.05 -3.76
CA ASN A 185 -14.16 -1.36 -5.03
C ASN A 185 -15.11 -1.60 -6.19
N ALA A 186 -16.23 -2.25 -5.91
CA ALA A 186 -17.24 -2.49 -6.98
C ALA A 186 -17.66 -1.16 -7.62
N GLU A 187 -17.73 -0.08 -6.82
CA GLU A 187 -18.15 1.21 -7.41
C GLU A 187 -17.16 1.66 -8.47
N LEU A 188 -15.91 1.27 -8.33
CA LEU A 188 -14.85 1.68 -9.24
C LEU A 188 -14.84 0.87 -10.53
N ASN A 189 -15.67 -0.19 -10.61
CA ASN A 189 -15.60 -1.10 -11.79
C ASN A 189 -15.96 -0.33 -13.05
N SER A 190 -16.80 0.74 -12.93
CA SER A 190 -17.27 1.48 -14.15
C SER A 190 -16.18 2.41 -14.72
N LEU A 191 -15.06 2.58 -13.99
CA LEU A 191 -13.98 3.46 -14.46
C LEU A 191 -13.09 2.74 -15.49
N PRO A 192 -12.31 3.50 -16.27
CA PRO A 192 -11.28 2.84 -17.11
C PRO A 192 -10.31 2.03 -16.28
N ALA A 193 -9.97 0.83 -16.75
CA ALA A 193 -9.07 -0.02 -16.00
C ALA A 193 -7.67 0.57 -15.79
N ARG A 194 -7.16 0.41 -14.56
CA ARG A 194 -5.73 0.64 -14.30
C ARG A 194 -5.23 -0.49 -13.44
N ILE A 195 -4.06 -1.04 -13.76
N ILE A 195 -4.04 -0.98 -13.76
CA ILE A 195 -3.45 -2.08 -12.92
CA ILE A 195 -3.41 -2.05 -12.98
C ILE A 195 -2.01 -1.72 -12.58
C ILE A 195 -2.04 -1.54 -12.57
N PHE A 196 -1.72 -1.64 -11.27
CA PHE A 196 -0.35 -1.26 -10.80
C PHE A 196 0.46 -2.53 -10.65
N ILE A 197 1.64 -2.55 -11.22
CA ILE A 197 2.50 -3.67 -11.21
C ILE A 197 3.49 -3.67 -10.06
N ASP A 198 3.54 -4.76 -9.27
CA ASP A 198 4.50 -4.73 -8.16
C ASP A 198 5.70 -5.65 -8.44
N HIS A 199 5.54 -6.60 -9.39
CA HIS A 199 6.67 -7.50 -9.73
C HIS A 199 6.50 -7.83 -11.20
N ALA A 200 7.62 -8.10 -11.86
CA ALA A 200 7.63 -8.51 -13.28
C ALA A 200 8.77 -9.55 -13.39
N PHE A 201 8.51 -10.62 -14.10
CA PHE A 201 9.53 -11.59 -14.42
C PHE A 201 9.24 -12.41 -15.63
N ASN A 202 10.32 -13.06 -16.12
CA ASN A 202 10.14 -13.97 -17.25
C ASN A 202 9.72 -15.34 -16.74
N VAL A 203 8.76 -16.02 -17.40
CA VAL A 203 8.48 -17.43 -17.00
C VAL A 203 8.63 -18.33 -18.20
N THR A 204 9.39 -19.42 -18.04
CA THR A 204 9.73 -20.26 -19.17
C THR A 204 8.47 -20.83 -19.74
N GLY A 205 8.25 -20.56 -21.03
CA GLY A 205 7.10 -21.07 -21.72
C GLY A 205 5.89 -20.18 -21.62
N LYS A 206 6.00 -19.08 -20.86
CA LYS A 206 4.90 -18.13 -20.64
C LYS A 206 5.34 -16.73 -21.13
N GLY A 207 6.64 -16.47 -20.97
CA GLY A 207 7.27 -15.18 -21.29
C GLY A 207 6.93 -14.18 -20.20
N CYS A 208 6.61 -12.93 -20.61
CA CYS A 208 6.53 -11.81 -19.66
C CYS A 208 5.28 -11.99 -18.75
N VAL A 209 5.51 -12.08 -17.43
CA VAL A 209 4.44 -12.12 -16.44
C VAL A 209 4.60 -10.91 -15.48
N VAL A 210 3.48 -10.24 -15.14
CA VAL A 210 3.56 -9.18 -14.14
C VAL A 210 2.57 -9.56 -13.06
N LEU A 211 2.89 -9.19 -11.84
CA LEU A 211 1.95 -9.37 -10.68
C LEU A 211 1.64 -7.95 -10.26
N GLY A 212 0.40 -7.81 -9.83
CA GLY A 212 -0.15 -6.49 -9.48
C GLY A 212 -1.56 -6.56 -8.95
N VAL A 213 -2.20 -5.38 -8.94
N VAL A 213 -2.19 -5.38 -8.95
CA VAL A 213 -3.56 -5.29 -8.41
CA VAL A 213 -3.54 -5.25 -8.41
C VAL A 213 -4.28 -4.32 -9.30
C VAL A 213 -4.29 -4.32 -9.32
N VAL A 214 -5.53 -4.67 -9.62
CA VAL A 214 -6.38 -3.74 -10.41
C VAL A 214 -6.89 -2.64 -9.42
N LYS A 215 -6.48 -1.40 -9.74
CA LYS A 215 -6.77 -0.24 -8.90
C LYS A 215 -8.19 0.28 -9.15
N GLN A 216 -8.64 0.20 -10.40
CA GLN A 216 -9.97 0.65 -10.78
C GLN A 216 -10.35 -0.07 -12.08
N GLY A 217 -11.65 -0.05 -12.40
CA GLY A 217 -12.16 -0.62 -13.61
C GLY A 217 -12.21 -2.15 -13.51
N ILE A 218 -12.38 -2.75 -14.67
CA ILE A 218 -12.34 -4.22 -14.79
C ILE A 218 -11.39 -4.52 -15.93
N SER A 219 -10.27 -5.23 -15.61
CA SER A 219 -9.32 -5.57 -16.67
C SER A 219 -9.81 -6.88 -17.31
N LYS A 220 -9.75 -6.99 -18.63
CA LYS A 220 -10.27 -8.16 -19.32
C LYS A 220 -9.19 -8.87 -20.08
N ASP A 221 -9.28 -10.21 -20.04
CA ASP A 221 -8.34 -11.01 -20.85
C ASP A 221 -8.47 -10.61 -22.32
N LYS A 222 -7.33 -10.52 -23.01
CA LYS A 222 -7.26 -10.12 -24.40
C LYS A 222 -7.37 -8.60 -24.61
N ASP A 223 -7.44 -7.80 -23.53
CA ASP A 223 -7.44 -6.37 -23.72
C ASP A 223 -6.16 -5.88 -24.46
N LYS A 224 -6.38 -4.97 -25.37
CA LYS A 224 -5.27 -4.31 -25.98
C LYS A 224 -5.19 -2.95 -25.30
N THR A 225 -4.05 -2.66 -24.67
CA THR A 225 -3.98 -1.47 -23.81
C THR A 225 -2.58 -1.05 -23.84
N LYS A 226 -2.11 -0.30 -22.84
CA LYS A 226 -0.71 0.22 -22.85
C LYS A 226 -0.01 0.01 -21.51
N ILE A 227 1.31 0.17 -21.51
CA ILE A 227 2.04 0.16 -20.26
C ILE A 227 2.80 1.47 -20.17
N PHE A 228 2.82 2.04 -18.98
CA PHE A 228 3.48 3.33 -18.71
C PHE A 228 4.41 3.14 -17.53
N PRO A 229 5.51 3.92 -17.48
CA PRO A 229 5.80 5.10 -18.30
C PRO A 229 6.47 4.78 -19.68
N LEU A 230 6.61 3.49 -20.04
CA LEU A 230 7.14 3.12 -21.42
C LEU A 230 6.31 3.72 -22.55
N ASP A 231 5.00 3.81 -22.36
CA ASP A 231 4.03 4.23 -23.37
C ASP A 231 4.11 3.27 -24.57
N ARG A 232 3.89 2.01 -24.28
CA ARG A 232 3.99 0.98 -25.28
C ARG A 232 2.66 0.22 -25.38
N ASP A 233 2.21 -0.09 -26.61
CA ASP A 233 1.04 -0.96 -26.72
C ASP A 233 1.29 -2.43 -26.29
N ILE A 234 0.35 -3.01 -25.50
CA ILE A 234 0.54 -4.37 -25.03
C ILE A 234 -0.78 -5.09 -25.16
N GLU A 235 -0.73 -6.42 -25.13
CA GLU A 235 -2.00 -7.18 -25.06
C GLU A 235 -1.90 -8.01 -23.85
N ILE A 236 -3.05 -8.13 -23.13
CA ILE A 236 -3.13 -9.08 -22.03
C ILE A 236 -3.44 -10.47 -22.56
N ARG A 237 -2.46 -11.37 -22.52
CA ARG A 237 -2.67 -12.73 -23.02
C ARG A 237 -3.43 -13.66 -22.07
N SER A 238 -3.31 -13.46 -20.72
CA SER A 238 -4.16 -14.23 -19.77
C SER A 238 -4.04 -13.49 -18.46
N ILE A 239 -5.03 -13.68 -17.62
CA ILE A 239 -5.01 -13.11 -16.26
C ILE A 239 -5.18 -14.32 -15.35
N GLN A 240 -4.39 -14.35 -14.29
CA GLN A 240 -4.52 -15.44 -13.29
C GLN A 240 -4.87 -14.78 -11.92
N SER A 241 -5.75 -15.40 -11.14
CA SER A 241 -5.92 -14.98 -9.74
C SER A 241 -5.83 -16.22 -8.88
N HIS A 242 -4.95 -16.16 -7.85
CA HIS A 242 -4.78 -17.33 -6.90
C HIS A 242 -4.79 -18.58 -7.73
N ASP A 243 -3.88 -18.61 -8.71
CA ASP A 243 -3.53 -19.84 -9.44
C ASP A 243 -4.47 -20.29 -10.59
N VAL A 244 -5.50 -19.49 -10.91
CA VAL A 244 -6.53 -19.93 -11.84
C VAL A 244 -6.74 -18.81 -12.87
N ASP A 245 -6.76 -19.15 -14.17
CA ASP A 245 -7.01 -18.15 -15.22
C ASP A 245 -8.44 -17.64 -15.13
N ILE A 246 -8.60 -16.30 -15.29
CA ILE A 246 -9.93 -15.67 -15.25
C ILE A 246 -10.12 -14.74 -16.43
N ASP A 247 -11.36 -14.60 -16.92
CA ASP A 247 -11.65 -13.72 -18.04
C ASP A 247 -11.63 -12.25 -17.72
N SER A 248 -11.88 -11.96 -16.45
CA SER A 248 -11.90 -10.57 -16.03
CA SER A 248 -12.06 -10.58 -15.99
C SER A 248 -11.54 -10.40 -14.60
N ALA A 249 -10.93 -9.23 -14.34
CA ALA A 249 -10.42 -8.93 -13.00
C ALA A 249 -10.91 -7.55 -12.57
N PRO A 250 -11.93 -7.51 -11.70
CA PRO A 250 -12.46 -6.16 -11.26
C PRO A 250 -11.54 -5.49 -10.26
N ALA A 251 -11.82 -4.20 -10.01
CA ALA A 251 -11.04 -3.42 -9.05
C ALA A 251 -10.86 -4.18 -7.75
N GLY A 252 -9.62 -4.21 -7.25
CA GLY A 252 -9.34 -4.92 -5.99
C GLY A 252 -8.68 -6.27 -6.21
N THR A 253 -8.75 -6.76 -7.44
CA THR A 253 -8.29 -8.15 -7.71
C THR A 253 -6.74 -8.13 -7.78
N ARG A 254 -6.11 -9.03 -7.02
CA ARG A 254 -4.67 -9.26 -7.18
C ARG A 254 -4.49 -10.27 -8.35
N VAL A 255 -3.66 -9.85 -9.31
CA VAL A 255 -3.56 -10.56 -10.56
C VAL A 255 -2.09 -10.89 -10.90
N GLY A 256 -2.02 -11.95 -11.68
CA GLY A 256 -0.80 -12.22 -12.43
C GLY A 256 -1.23 -12.12 -13.89
N MET A 257 -0.47 -11.44 -14.72
CA MET A 257 -0.85 -11.31 -16.13
C MET A 257 0.29 -11.64 -17.06
N ARG A 258 -0.07 -12.43 -18.08
CA ARG A 258 0.90 -12.72 -19.18
C ARG A 258 0.70 -11.62 -20.16
N LEU A 259 1.79 -10.92 -20.49
CA LEU A 259 1.69 -9.77 -21.42
C LEU A 259 2.43 -10.12 -22.74
N LYS A 260 1.83 -9.73 -23.85
CA LYS A 260 2.46 -9.71 -25.20
C LYS A 260 2.98 -8.29 -25.57
N ASN A 261 4.15 -8.27 -26.20
CA ASN A 261 4.78 -7.08 -26.77
C ASN A 261 5.65 -6.32 -25.81
N VAL A 262 5.93 -6.94 -24.66
CA VAL A 262 6.87 -6.25 -23.73
C VAL A 262 7.72 -7.29 -22.97
N GLN A 263 8.96 -6.94 -22.69
CA GLN A 263 9.86 -7.88 -22.03
C GLN A 263 9.94 -7.52 -20.51
N ALA A 264 9.96 -8.55 -19.66
CA ALA A 264 9.98 -8.33 -18.20
C ALA A 264 11.20 -7.45 -17.83
N LYS A 265 12.32 -7.61 -18.56
CA LYS A 265 13.51 -6.79 -18.21
C LYS A 265 13.23 -5.24 -18.38
N ASP A 266 12.23 -4.86 -19.12
CA ASP A 266 11.92 -3.44 -19.33
C ASP A 266 10.79 -2.93 -18.41
N ILE A 267 10.34 -3.78 -17.48
CA ILE A 267 9.26 -3.40 -16.54
C ILE A 267 9.85 -3.31 -15.15
N GLU A 268 9.44 -2.28 -14.40
CA GLU A 268 9.80 -2.17 -12.95
C GLU A 268 8.51 -2.08 -12.09
N ARG A 269 8.63 -2.46 -10.81
CA ARG A 269 7.58 -2.11 -9.89
C ARG A 269 7.19 -0.61 -10.05
N GLY A 270 5.91 -0.28 -10.15
CA GLY A 270 5.58 1.11 -10.32
C GLY A 270 4.98 1.41 -11.70
N PHE A 271 5.23 0.52 -12.64
CA PHE A 271 4.65 0.69 -13.96
C PHE A 271 3.16 0.45 -13.87
N ILE A 272 2.42 0.98 -14.80
CA ILE A 272 0.98 0.94 -14.78
C ILE A 272 0.47 0.44 -16.13
N ILE A 273 -0.50 -0.46 -16.08
CA ILE A 273 -1.14 -0.85 -17.29
C ILE A 273 -2.47 -0.08 -17.32
N SER A 274 -2.70 0.66 -18.40
CA SER A 274 -3.86 1.45 -18.58
C SER A 274 -3.82 2.01 -19.96
N ASP A 275 -4.93 2.63 -20.37
CA ASP A 275 -4.96 3.21 -21.76
C ASP A 275 -4.27 4.57 -21.80
N LYS A 276 -4.19 5.27 -20.65
CA LYS A 276 -3.58 6.62 -20.69
C LYS A 276 -3.08 6.96 -19.26
N GLU A 277 -1.85 7.44 -19.18
CA GLU A 277 -1.31 8.00 -17.93
C GLU A 277 -0.51 9.19 -18.22
N ILE A 278 -0.36 10.08 -17.21
CA ILE A 278 0.60 11.20 -17.36
C ILE A 278 2.00 10.65 -17.15
N VAL A 279 2.95 11.09 -17.97
CA VAL A 279 4.33 10.70 -17.74
C VAL A 279 5.16 11.96 -17.72
N THR A 280 5.82 12.23 -16.59
CA THR A 280 6.69 13.44 -16.49
C THR A 280 7.91 13.09 -15.62
N THR A 281 8.91 13.98 -15.66
CA THR A 281 10.09 13.80 -14.74
C THR A 281 10.00 14.92 -13.71
N ASP A 282 9.21 15.96 -14.04
CA ASP A 282 8.90 17.03 -13.06
C ASP A 282 7.44 17.06 -12.57
N TYR A 283 7.22 17.71 -11.44
CA TYR A 283 5.89 17.68 -10.77
C TYR A 283 5.57 19.02 -10.22
N THR A 284 4.33 19.42 -10.32
CA THR A 284 3.87 20.57 -9.55
C THR A 284 2.77 20.09 -8.61
N LEU A 285 3.06 20.02 -7.31
CA LEU A 285 2.11 19.46 -6.31
C LEU A 285 1.52 20.47 -5.33
N GLU A 286 0.20 20.34 -5.06
CA GLU A 286 -0.47 21.09 -3.99
C GLU A 286 -0.28 20.13 -2.78
N CYS A 287 0.45 20.59 -1.78
CA CYS A 287 0.94 19.73 -0.69
C CYS A 287 0.44 20.24 0.64
N THR A 288 0.33 19.29 1.55
CA THR A 288 -0.02 19.55 2.90
C THR A 288 1.15 18.93 3.66
N VAL A 289 1.89 19.77 4.37
CA VAL A 289 3.09 19.36 5.12
C VAL A 289 2.80 18.91 6.56
N SER A 290 3.34 17.73 6.88
CA SER A 290 3.19 17.15 8.22
C SER A 290 3.61 18.20 9.29
N LYS A 291 2.93 18.13 10.44
CA LYS A 291 3.41 18.94 11.56
C LYS A 291 4.72 18.35 12.11
N PHE A 292 5.04 17.09 11.78
CA PHE A 292 6.16 16.40 12.40
C PHE A 292 7.35 16.22 11.46
N THR A 293 7.67 17.29 10.75
CA THR A 293 8.82 17.29 9.88
C THR A 293 9.56 18.65 9.97
N LYS A 294 10.59 18.81 9.17
CA LYS A 294 11.45 20.06 9.10
C LYS A 294 10.87 20.96 8.05
N LYS A 295 11.00 22.27 8.23
CA LYS A 295 10.58 23.16 7.17
C LYS A 295 11.26 22.79 5.85
N ILE A 296 10.49 22.88 4.78
CA ILE A 296 10.97 22.56 3.42
C ILE A 296 11.52 23.82 2.78
N GLU A 297 12.67 23.71 2.11
CA GLU A 297 13.37 24.89 1.57
C GLU A 297 13.68 24.59 0.12
N PRO A 298 13.76 25.65 -0.70
CA PRO A 298 14.19 25.48 -2.12
C PRO A 298 15.54 24.85 -2.15
N ALA A 299 15.77 24.15 -3.26
CA ALA A 299 16.99 23.44 -3.60
C ALA A 299 17.32 22.26 -2.71
N SER A 300 16.42 21.95 -1.80
CA SER A 300 16.62 20.76 -0.96
C SER A 300 16.07 19.46 -1.60
N VAL A 301 16.45 18.35 -0.96
N VAL A 301 16.52 18.34 -1.05
CA VAL A 301 16.27 16.97 -1.46
CA VAL A 301 16.20 17.02 -1.59
C VAL A 301 15.13 16.26 -0.75
C VAL A 301 15.07 16.39 -0.80
N LEU A 302 14.23 15.67 -1.54
CA LEU A 302 13.12 14.90 -0.91
C LEU A 302 13.05 13.56 -1.65
N HIS A 303 12.25 12.63 -1.13
CA HIS A 303 12.00 11.41 -1.85
C HIS A 303 10.54 11.39 -2.15
N LEU A 304 10.20 11.06 -3.41
CA LEU A 304 8.81 11.12 -3.83
C LEU A 304 8.27 9.70 -4.07
N PHE A 305 7.09 9.45 -3.54
CA PHE A 305 6.37 8.18 -3.81
C PHE A 305 5.03 8.49 -4.46
N VAL A 306 4.75 7.81 -5.58
CA VAL A 306 3.44 7.92 -6.21
C VAL A 306 3.18 6.55 -6.78
N GLY A 307 1.97 6.02 -6.54
CA GLY A 307 1.71 4.63 -6.92
C GLY A 307 2.74 3.72 -6.25
N LEU A 308 3.40 2.86 -7.07
CA LEU A 308 4.42 1.97 -6.53
C LEU A 308 5.81 2.42 -6.98
N GLN A 309 5.90 3.72 -7.28
CA GLN A 309 7.21 4.33 -7.71
C GLN A 309 7.80 5.13 -6.53
N SER A 310 9.14 5.23 -6.50
CA SER A 310 9.78 6.00 -5.45
C SER A 310 11.10 6.50 -5.95
N GLU A 311 11.27 7.84 -6.02
CA GLU A 311 12.54 8.38 -6.58
C GLU A 311 12.90 9.65 -5.86
N PRO A 312 14.22 10.00 -5.79
CA PRO A 312 14.67 11.32 -5.32
C PRO A 312 14.20 12.51 -6.19
N VAL A 313 13.83 13.60 -5.53
CA VAL A 313 13.44 14.83 -6.23
C VAL A 313 14.10 16.04 -5.58
N ARG A 314 14.17 17.15 -6.33
CA ARG A 314 14.65 18.42 -5.79
C ARG A 314 13.54 19.44 -5.75
N VAL A 315 13.49 20.27 -4.68
CA VAL A 315 12.43 21.28 -4.59
C VAL A 315 12.97 22.50 -5.37
N GLU A 316 12.28 22.87 -6.47
CA GLU A 316 12.74 23.95 -7.30
C GLU A 316 12.13 25.30 -6.88
N LYS A 317 10.85 25.25 -6.40
CA LYS A 317 10.14 26.43 -6.07
C LYS A 317 9.03 26.08 -5.11
N ILE A 318 8.82 26.99 -4.15
CA ILE A 318 7.75 26.87 -3.18
C ILE A 318 6.87 28.09 -3.33
N LEU A 319 5.56 27.83 -3.52
CA LEU A 319 4.56 28.89 -3.56
C LEU A 319 3.51 28.73 -2.49
N VAL A 320 3.11 29.88 -1.92
CA VAL A 320 1.94 29.96 -1.08
C VAL A 320 1.10 31.10 -1.67
N ASP A 321 -0.15 30.78 -2.00
CA ASP A 321 -1.11 31.74 -2.65
C ASP A 321 -0.57 32.31 -3.96
N GLY A 322 -0.01 31.41 -4.75
CA GLY A 322 0.70 31.75 -5.96
C GLY A 322 1.91 32.65 -5.83
N ASN A 323 2.27 33.05 -4.61
CA ASN A 323 3.49 33.86 -4.39
C ASN A 323 4.64 33.02 -3.84
N GLU A 324 5.78 33.20 -4.46
CA GLU A 324 6.98 32.45 -4.13
C GLU A 324 7.48 32.82 -2.75
N VAL A 325 7.87 31.79 -1.99
CA VAL A 325 8.36 31.92 -0.63
C VAL A 325 9.65 31.15 -0.42
N GLU A 326 10.35 31.48 0.65
CA GLU A 326 11.61 30.81 0.91
C GLU A 326 11.52 29.52 1.73
N GLU A 327 10.30 29.16 2.19
CA GLU A 327 10.14 27.97 3.05
C GLU A 327 8.69 27.54 3.08
N ALA A 328 8.48 26.24 3.39
CA ALA A 328 7.14 25.81 3.73
C ALA A 328 7.30 25.21 5.11
N LYS A 329 6.64 25.80 6.12
CA LYS A 329 6.75 25.37 7.49
C LYS A 329 6.01 24.03 7.71
N PRO A 330 6.43 23.27 8.72
CA PRO A 330 5.68 22.13 9.11
C PRO A 330 4.25 22.58 9.34
N GLY A 331 3.30 21.72 8.90
CA GLY A 331 1.91 21.97 9.23
C GLY A 331 1.29 23.07 8.39
N SER A 332 1.84 23.32 7.23
CA SER A 332 1.32 24.32 6.30
C SER A 332 0.92 23.69 4.99
N THR A 333 0.28 24.47 4.11
CA THR A 333 -0.06 24.06 2.80
C THR A 333 0.70 24.95 1.79
N CYS A 334 1.14 24.36 0.71
CA CYS A 334 1.96 25.06 -0.26
C CYS A 334 1.85 24.34 -1.61
N VAL A 335 2.37 24.99 -2.63
CA VAL A 335 2.66 24.36 -3.88
C VAL A 335 4.13 24.12 -3.97
N LEU A 336 4.47 22.89 -4.34
CA LEU A 336 5.84 22.57 -4.59
C LEU A 336 6.09 22.26 -6.08
N GLU A 337 7.05 22.99 -6.69
CA GLU A 337 7.49 22.61 -8.02
C GLU A 337 8.70 21.72 -7.75
N LEU A 338 8.62 20.47 -8.20
CA LEU A 338 9.66 19.50 -7.94
C LEU A 338 10.34 19.00 -9.26
N SER A 339 11.63 18.67 -9.27
CA SER A 339 12.26 18.07 -10.44
C SER A 339 12.95 16.76 -10.07
N GLY A 340 13.03 15.86 -11.04
CA GLY A 340 13.68 14.54 -10.82
C GLY A 340 14.27 14.02 -12.14
N ASN A 341 14.92 12.86 -12.09
CA ASN A 341 15.65 12.33 -13.25
C ASN A 341 14.81 11.33 -14.05
N LYS A 342 14.06 10.50 -13.36
CA LYS A 342 13.42 9.39 -13.99
C LYS A 342 12.00 9.80 -14.39
N LYS A 343 11.49 9.23 -15.47
CA LYS A 343 10.12 9.39 -15.90
C LYS A 343 9.23 8.52 -15.02
N LEU A 344 8.21 9.15 -14.42
CA LEU A 344 7.19 8.42 -13.63
C LEU A 344 5.84 8.57 -14.28
N ALA A 345 4.99 7.54 -14.06
CA ALA A 345 3.58 7.50 -14.56
C ALA A 345 2.58 7.70 -13.46
N TYR A 346 1.58 8.50 -13.74
CA TYR A 346 0.54 8.72 -12.72
C TYR A 346 -0.69 9.37 -13.37
N SER A 347 -1.79 9.31 -12.69
CA SER A 347 -3.00 10.06 -13.03
C SER A 347 -3.23 11.05 -11.84
N LYS A 348 -4.12 12.00 -12.03
CA LYS A 348 -4.27 13.08 -11.03
C LYS A 348 -4.89 12.55 -9.74
N GLN A 349 -5.56 11.40 -9.79
CA GLN A 349 -6.16 10.83 -8.61
C GLN A 349 -5.08 10.24 -7.66
N ASP A 350 -3.87 10.10 -8.16
CA ASP A 350 -2.83 9.38 -7.39
C ASP A 350 -2.21 10.32 -6.37
N ARG A 351 -2.29 9.88 -5.08
CA ARG A 351 -1.73 10.68 -3.99
C ARG A 351 -0.18 10.53 -4.04
N PHE A 352 0.50 11.66 -3.96
CA PHE A 352 1.98 11.64 -3.86
C PHE A 352 2.33 11.77 -2.33
N LEU A 353 3.35 11.06 -1.92
CA LEU A 353 3.94 11.25 -0.59
C LEU A 353 5.37 11.75 -0.78
N LEU A 354 5.79 12.69 0.08
CA LEU A 354 7.17 13.16 0.05
C LEU A 354 7.81 12.84 1.39
N ALA A 355 9.08 12.42 1.30
CA ALA A 355 9.82 12.01 2.49
C ALA A 355 11.18 12.69 2.51
N ASN A 356 11.78 12.74 3.71
CA ASN A 356 13.19 13.09 3.86
C ASN A 356 13.87 11.94 4.54
N LEU A 357 14.59 11.17 3.75
CA LEU A 357 15.10 9.90 4.23
C LEU A 357 16.10 10.05 5.32
N ASP A 358 16.60 11.28 5.55
CA ASP A 358 17.63 11.48 6.57
C ASP A 358 17.07 11.86 7.91
N LEU A 359 15.75 11.99 7.99
CA LEU A 359 15.17 12.33 9.30
C LEU A 359 14.86 11.09 10.12
N THR A 360 14.45 11.30 11.38
CA THR A 360 13.97 10.14 12.16
C THR A 360 12.56 9.71 11.77
N GLN A 361 11.68 10.67 11.77
CA GLN A 361 10.29 10.47 11.26
C GLN A 361 10.50 11.05 9.80
N ARG A 362 10.38 10.16 8.82
CA ARG A 362 10.84 10.52 7.47
C ARG A 362 9.74 11.09 6.57
N PHE A 363 8.49 10.96 6.95
CA PHE A 363 7.40 11.45 6.08
C PHE A 363 7.16 12.91 6.28
N ALA A 364 7.18 13.63 5.17
CA ALA A 364 7.13 15.07 5.19
C ALA A 364 5.80 15.68 4.78
N ALA A 365 5.14 15.07 3.82
CA ALA A 365 4.02 15.75 3.18
C ALA A 365 3.30 14.77 2.30
N TYR A 366 1.99 15.09 2.06
CA TYR A 366 1.34 14.47 0.87
C TYR A 366 0.99 15.58 -0.09
N GLY A 367 0.76 15.20 -1.34
CA GLY A 367 0.28 16.23 -2.32
C GLY A 367 -0.37 15.58 -3.51
N PHE A 368 -1.02 16.41 -4.29
CA PHE A 368 -1.64 15.98 -5.55
C PHE A 368 -1.15 16.87 -6.67
N SER A 369 -1.07 16.28 -7.87
CA SER A 369 -0.63 16.95 -9.08
C SER A 369 -1.64 18.01 -9.41
N LYS A 370 -1.09 19.22 -9.52
CA LYS A 370 -1.83 20.49 -9.68
C LYS A 370 -2.59 20.49 -11.00
C1 CIT B . 13.50 4.13 0.63
O1 CIT B . 12.43 3.72 0.15
O2 CIT B . 13.69 4.17 1.85
C2 CIT B . 14.51 4.72 -0.32
C3 CIT B . 15.30 3.75 -1.24
O7 CIT B . 15.49 2.38 -0.83
C4 CIT B . 15.90 4.42 -2.52
C5 CIT B . 17.20 4.82 -1.93
O3 CIT B . 17.80 3.98 -1.19
O4 CIT B . 17.63 5.97 -2.19
C6 CIT B . 14.15 3.27 -2.08
O5 CIT B . 14.25 2.15 -2.73
O6 CIT B . 13.22 4.09 -2.18
C1 CIT C . 6.13 10.47 17.23
O1 CIT C . 6.91 9.48 17.27
O2 CIT C . 6.18 11.39 16.38
C2 CIT C . 5.07 10.62 18.28
C3 CIT C . 3.78 9.83 18.11
O7 CIT C . 3.73 8.68 17.27
C4 CIT C . 2.52 10.26 18.85
C5 CIT C . 1.71 11.25 18.03
O3 CIT C . 1.35 10.87 16.88
O4 CIT C . 1.44 12.37 18.56
C6 CIT C . 4.12 8.94 19.35
O5 CIT C . 4.14 7.69 19.21
O6 CIT C . 4.37 9.44 20.50
#